data_3PYF
#
_entry.id   3PYF
#
_cell.length_a   52.960
_cell.length_b   73.485
_cell.length_c   106.333
_cell.angle_alpha   90.00
_cell.angle_beta   90.00
_cell.angle_gamma   90.00
#
_symmetry.space_group_name_H-M   'P 21 21 21'
#
loop_
_entity.id
_entity.type
_entity.pdbx_description
1 polymer '4-diphosphocytidyl-2-C-methyl-D-erythritol kinase'
2 non-polymer 'PHOSPHOAMINOPHOSPHONIC ACID-ADENYLATE ESTER'
3 water water
#
_entity_poly.entity_id   1
_entity_poly.type   'polypeptide(L)'
_entity_poly.pdbx_seq_one_letter_code
;MPTGSVTVRVPGKVNLYLAVGDRREDGYHELTTVFHAVSLVDEVTVRNADVLSLELVGEGADQLPTDERNLAWQAAELMA
EHVGRAPDVSIMIDKSIPVAGGMAGGSADAAAVLVAMNSLWELNVPRRDLRMLAARLGSDVPFALHGGTALGTGRGEELA
TVLSRNTFHWVLAFADSGLLTSAVYNELDRLREVGDPPRLGEPGPVLAALAAGDPDQLAPLLGNEMQAAAVSLDPALARA
LRAGVEAGALAGIVSGSGPTCAFLCTSASSAIDVGAQLSGAGVCRTVRVATGPVPGARVVSAPTEV
;
_entity_poly.pdbx_strand_id   A
#
# COMPACT_ATOMS: atom_id res chain seq x y z
N SER A 5 20.54 5.61 18.17
CA SER A 5 19.17 5.74 17.38
C SER A 5 19.10 5.85 15.81
N VAL A 6 18.18 5.09 15.11
CA VAL A 6 18.11 5.15 13.64
C VAL A 6 16.65 5.36 13.27
N THR A 7 16.46 6.24 12.30
CA THR A 7 15.07 6.49 11.83
C THR A 7 15.03 6.03 10.37
N VAL A 8 13.94 5.28 10.05
CA VAL A 8 13.69 4.85 8.71
C VAL A 8 12.31 5.36 8.22
N ARG A 9 12.35 5.89 7.02
CA ARG A 9 11.12 6.39 6.37
C ARG A 9 10.61 5.23 5.44
N VAL A 10 9.30 5.00 5.45
CA VAL A 10 8.79 3.91 4.62
C VAL A 10 7.41 4.37 4.11
N PRO A 11 7.11 4.08 2.82
CA PRO A 11 5.87 4.61 2.24
C PRO A 11 4.69 3.63 2.29
N GLY A 12 3.48 4.17 2.14
CA GLY A 12 2.32 3.31 1.92
C GLY A 12 2.23 2.99 0.41
N LYS A 13 1.32 2.10 0.03
CA LYS A 13 1.21 1.68 -1.36
C LYS A 13 -0.19 1.81 -1.84
N VAL A 14 -0.24 1.90 -3.16
CA VAL A 14 -1.53 1.82 -3.87
C VAL A 14 -1.36 0.75 -4.94
N ASN A 15 -2.47 0.06 -5.28
CA ASN A 15 -2.32 -0.96 -6.37
C ASN A 15 -2.81 -0.21 -7.63
N LEU A 16 -1.97 -0.11 -8.66
CA LEU A 16 -2.43 0.49 -9.93
C LEU A 16 -3.21 -0.47 -10.81
N TYR A 17 -2.95 -1.75 -10.64
CA TYR A 17 -3.48 -2.87 -11.42
C TYR A 17 -3.58 -4.05 -10.52
N LEU A 18 -4.76 -4.69 -10.53
CA LEU A 18 -4.90 -5.91 -9.79
C LEU A 18 -5.85 -6.86 -10.51
N ALA A 19 -5.31 -7.97 -10.99
CA ALA A 19 -6.06 -9.01 -11.59
C ALA A 19 -6.16 -10.14 -10.60
N VAL A 20 -7.37 -10.70 -10.46
CA VAL A 20 -7.55 -11.66 -9.36
C VAL A 20 -8.02 -12.96 -10.07
N GLY A 21 -7.25 -14.01 -9.89
CA GLY A 21 -7.53 -15.31 -10.53
C GLY A 21 -8.86 -15.85 -10.04
N ASP A 22 -9.51 -16.65 -10.88
CA ASP A 22 -10.74 -17.36 -10.50
C ASP A 22 -10.53 -18.16 -9.24
N ARG A 23 -11.52 -18.18 -8.32
CA ARG A 23 -11.34 -18.97 -7.11
C ARG A 23 -10.97 -20.40 -7.51
N ARG A 24 -10.01 -21.00 -6.80
CA ARG A 24 -9.80 -22.45 -6.83
C ARG A 24 -10.06 -22.98 -5.40
N GLU A 25 -9.07 -23.66 -4.79
CA GLU A 25 -9.19 -24.10 -3.38
C GLU A 25 -7.82 -24.22 -2.65
N ASP A 26 -7.84 -24.26 -1.32
CA ASP A 26 -9.07 -23.98 -0.54
C ASP A 26 -9.45 -22.51 -0.65
N GLY A 27 -10.14 -22.20 -1.75
CA GLY A 27 -10.70 -20.88 -1.99
C GLY A 27 -9.66 -19.79 -2.23
N TYR A 28 -8.64 -20.10 -3.01
CA TYR A 28 -7.58 -19.14 -3.21
C TYR A 28 -7.76 -18.38 -4.49
N HIS A 29 -7.30 -17.11 -4.51
CA HIS A 29 -7.22 -16.37 -5.78
C HIS A 29 -5.76 -15.94 -5.99
N GLU A 30 -5.25 -16.27 -7.17
CA GLU A 30 -3.85 -15.90 -7.55
C GLU A 30 -3.87 -14.42 -7.93
N LEU A 31 -2.92 -13.62 -7.43
CA LEU A 31 -3.03 -12.15 -7.64
C LEU A 31 -1.91 -11.71 -8.54
N THR A 32 -2.24 -10.88 -9.52
CA THR A 32 -1.16 -10.17 -10.23
C THR A 32 -1.35 -8.69 -10.06
N THR A 33 -0.31 -8.08 -9.48
CA THR A 33 -0.52 -6.70 -9.05
C THR A 33 0.57 -5.81 -9.48
N VAL A 34 0.23 -4.56 -9.82
CA VAL A 34 1.25 -3.57 -9.93
C VAL A 34 1.15 -2.67 -8.63
N PHE A 35 2.22 -2.73 -7.85
CA PHE A 35 2.31 -2.02 -6.58
C PHE A 35 2.99 -0.73 -6.79
N HIS A 36 2.52 0.39 -6.17
CA HIS A 36 3.14 1.69 -6.44
C HIS A 36 3.29 2.35 -5.07
N ALA A 37 4.54 2.67 -4.70
CA ALA A 37 4.74 3.39 -3.40
C ALA A 37 4.58 4.87 -3.59
N VAL A 38 3.88 5.49 -2.65
CA VAL A 38 3.53 6.90 -2.74
C VAL A 38 3.89 7.62 -1.43
N SER A 39 3.95 8.94 -1.53
CA SER A 39 4.59 9.76 -0.50
C SER A 39 3.70 10.04 0.73
N LEU A 40 2.87 9.07 1.13
CA LEU A 40 2.29 9.16 2.50
C LEU A 40 3.18 8.15 3.25
N VAL A 41 3.80 8.62 4.33
CA VAL A 41 4.88 7.77 4.89
C VAL A 41 4.72 7.62 6.39
N ASP A 42 5.37 6.58 6.94
CA ASP A 42 5.62 6.52 8.39
C ASP A 42 7.14 6.67 8.56
N GLU A 43 7.53 7.18 9.73
CA GLU A 43 8.93 7.19 10.11
C GLU A 43 9.07 6.43 11.39
N VAL A 44 9.95 5.44 11.34
CA VAL A 44 10.16 4.50 12.44
C VAL A 44 11.54 4.70 13.05
N THR A 45 11.55 4.98 14.33
CA THR A 45 12.84 5.25 15.05
C THR A 45 13.09 4.15 16.06
N VAL A 46 14.28 3.51 15.96
CA VAL A 46 14.62 2.35 16.77
C VAL A 46 15.89 2.71 17.56
N ARG A 47 15.86 2.38 18.85
CA ARG A 47 17.02 2.63 19.70
C ARG A 47 17.31 1.39 20.47
N ASN A 48 18.55 1.22 20.99
CA ASN A 48 18.70 0.11 21.93
C ASN A 48 17.91 0.32 23.24
N ALA A 49 17.47 -0.76 23.86
CA ALA A 49 16.69 -0.65 25.08
C ALA A 49 16.91 -1.88 25.93
N ASP A 50 16.36 -1.88 27.13
CA ASP A 50 16.42 -3.05 27.97
C ASP A 50 15.51 -4.15 27.58
N VAL A 51 14.33 -3.78 27.02
CA VAL A 51 13.33 -4.74 26.67
C VAL A 51 12.69 -4.21 25.37
N LEU A 52 12.18 -5.10 24.53
CA LEU A 52 11.35 -4.68 23.36
C LEU A 52 10.14 -3.79 23.81
N SER A 53 9.95 -2.63 23.20
CA SER A 53 8.72 -1.83 23.41
C SER A 53 8.36 -1.19 22.11
N LEU A 54 7.08 -0.78 22.01
CA LEU A 54 6.61 -0.19 20.77
C LEU A 54 5.58 0.93 21.11
N GLU A 55 5.75 2.08 20.49
CA GLU A 55 4.73 3.17 20.65
C GLU A 55 4.46 3.78 19.28
N LEU A 56 3.25 4.26 19.07
CA LEU A 56 2.90 4.87 17.80
C LEU A 56 2.24 6.19 18.09
N VAL A 57 2.52 7.16 17.25
CA VAL A 57 1.88 8.49 17.35
C VAL A 57 1.36 8.89 15.98
N GLY A 58 0.29 9.67 15.92
CA GLY A 58 -0.22 10.15 14.68
C GLY A 58 -1.70 9.83 14.58
N GLU A 59 -2.37 10.32 13.53
CA GLU A 59 -3.85 10.16 13.49
C GLU A 59 -4.18 8.70 13.38
N GLY A 60 -5.07 8.21 14.20
CA GLY A 60 -5.48 6.76 14.13
C GLY A 60 -4.52 5.85 14.90
N ALA A 61 -3.39 6.36 15.37
CA ALA A 61 -2.40 5.47 15.97
C ALA A 61 -2.87 4.82 17.27
N ASP A 62 -3.68 5.59 18.03
CA ASP A 62 -4.33 5.05 19.19
C ASP A 62 -5.20 3.81 18.93
N GLN A 63 -5.59 3.52 17.68
CA GLN A 63 -6.36 2.30 17.42
C GLN A 63 -5.50 1.05 17.34
N LEU A 64 -4.18 1.20 17.37
CA LEU A 64 -3.32 0.06 17.02
C LEU A 64 -2.69 -0.63 18.24
N PRO A 65 -2.56 -1.96 18.16
CA PRO A 65 -1.91 -2.70 19.22
C PRO A 65 -0.45 -2.33 19.33
N THR A 66 0.09 -2.44 20.55
CA THR A 66 1.51 -2.13 20.82
C THR A 66 2.22 -3.38 21.33
N ASP A 67 1.70 -4.54 21.01
CA ASP A 67 2.30 -5.82 21.41
C ASP A 67 2.51 -6.68 20.23
N GLU A 68 2.59 -7.99 20.43
CA GLU A 68 2.91 -8.90 19.34
C GLU A 68 1.89 -8.99 18.26
N ARG A 69 0.67 -8.43 18.47
CA ARG A 69 -0.31 -8.39 17.37
C ARG A 69 0.12 -7.36 16.27
N ASN A 70 1.06 -6.48 16.65
CA ASN A 70 1.56 -5.45 15.71
C ASN A 70 2.68 -6.03 14.83
N LEU A 71 2.55 -5.95 13.50
CA LEU A 71 3.58 -6.55 12.65
C LEU A 71 4.96 -5.97 12.92
N ALA A 72 5.02 -4.69 13.30
CA ALA A 72 6.35 -4.08 13.57
C ALA A 72 7.03 -4.79 14.76
N TRP A 73 6.23 -5.13 15.77
CA TRP A 73 6.74 -5.93 16.91
C TRP A 73 7.22 -7.27 16.42
N GLN A 74 6.45 -7.95 15.53
CA GLN A 74 6.84 -9.28 15.07
C GLN A 74 8.14 -9.17 14.25
N ALA A 75 8.28 -8.05 13.53
CA ALA A 75 9.48 -7.80 12.74
C ALA A 75 10.67 -7.71 13.64
N ALA A 76 10.54 -7.03 14.74
CA ALA A 76 11.71 -6.89 15.65
C ALA A 76 12.06 -8.26 16.20
N GLU A 77 11.06 -9.05 16.56
CA GLU A 77 11.32 -10.42 17.08
C GLU A 77 11.99 -11.28 16.02
N LEU A 78 11.56 -11.18 14.75
CA LEU A 78 12.12 -12.05 13.72
C LEU A 78 13.54 -11.63 13.38
N MET A 79 13.80 -10.32 13.36
CA MET A 79 15.10 -9.83 12.87
C MET A 79 16.08 -10.27 13.96
N ALA A 80 15.71 -10.07 15.21
CA ALA A 80 16.67 -10.45 16.28
C ALA A 80 16.89 -11.93 16.29
N GLU A 81 15.80 -12.73 16.20
CA GLU A 81 16.02 -14.20 16.25
C GLU A 81 16.93 -14.64 15.08
N HIS A 82 16.86 -13.97 13.93
CA HIS A 82 17.61 -14.35 12.79
C HIS A 82 19.13 -14.22 13.04
N VAL A 83 19.50 -13.29 13.89
CA VAL A 83 20.95 -13.09 14.19
C VAL A 83 21.23 -13.57 15.63
N GLY A 84 20.35 -14.41 16.17
CA GLY A 84 20.55 -15.12 17.50
C GLY A 84 20.53 -14.15 18.64
N ARG A 85 19.89 -12.98 18.45
CA ARG A 85 19.90 -11.95 19.49
C ARG A 85 18.54 -11.72 20.12
N ALA A 86 18.52 -11.11 21.30
CA ALA A 86 17.22 -10.71 21.86
C ALA A 86 16.82 -9.36 21.26
N PRO A 87 15.48 -9.16 21.04
CA PRO A 87 15.05 -7.94 20.40
C PRO A 87 15.00 -6.74 21.38
N ASP A 88 16.15 -6.37 21.92
CA ASP A 88 16.20 -5.33 22.94
C ASP A 88 16.28 -3.97 22.41
N VAL A 89 15.13 -3.57 21.83
CA VAL A 89 15.00 -2.29 21.18
C VAL A 89 13.68 -1.61 21.51
N SER A 90 13.70 -0.28 21.51
CA SER A 90 12.47 0.52 21.58
C SER A 90 12.18 1.09 20.22
N ILE A 91 10.91 1.03 19.85
CA ILE A 91 10.45 1.38 18.51
C ILE A 91 9.41 2.49 18.67
N MET A 92 9.60 3.59 18.00
CA MET A 92 8.62 4.70 18.01
C MET A 92 8.21 4.93 16.56
N ILE A 93 6.89 4.93 16.32
CA ILE A 93 6.42 5.09 14.91
C ILE A 93 5.67 6.39 14.81
N ASP A 94 6.13 7.29 13.97
CA ASP A 94 5.43 8.56 13.63
C ASP A 94 4.61 8.14 12.40
N LYS A 95 3.35 7.87 12.66
CA LYS A 95 2.39 7.33 11.59
C LYS A 95 1.70 8.40 10.82
N SER A 96 1.93 8.42 9.51
CA SER A 96 1.16 9.36 8.63
C SER A 96 0.57 8.59 7.48
N ILE A 97 0.72 7.25 7.44
CA ILE A 97 -0.03 6.45 6.43
C ILE A 97 -1.39 6.23 7.03
N PRO A 98 -2.46 6.67 6.33
CA PRO A 98 -3.75 6.58 7.02
C PRO A 98 -4.11 5.20 7.59
N VAL A 99 -4.61 5.17 8.83
CA VAL A 99 -4.87 3.94 9.54
C VAL A 99 -6.12 3.27 8.98
N ALA A 100 -6.04 1.99 8.71
CA ALA A 100 -7.14 1.17 8.16
C ALA A 100 -7.53 1.71 6.81
N GLY A 101 -6.59 2.34 6.14
CA GLY A 101 -6.90 3.01 4.88
C GLY A 101 -6.54 2.19 3.67
N GLY A 102 -6.09 0.96 3.89
CA GLY A 102 -5.84 0.03 2.82
C GLY A 102 -4.51 0.18 2.11
N MET A 103 -3.59 0.94 2.73
CA MET A 103 -2.27 1.22 2.10
C MET A 103 -1.11 0.42 2.73
N ALA A 104 -1.46 -0.55 3.54
CA ALA A 104 -0.50 -1.52 4.12
C ALA A 104 0.48 -0.79 5.00
N GLY A 105 -0.09 0.05 5.88
CA GLY A 105 0.82 0.72 6.82
C GLY A 105 1.46 -0.21 7.84
N GLY A 106 0.83 -1.30 8.31
CA GLY A 106 1.51 -2.14 9.35
C GLY A 106 2.68 -2.82 8.62
N SER A 107 2.48 -3.21 7.36
CA SER A 107 3.53 -3.89 6.60
C SER A 107 4.69 -2.90 6.36
N ALA A 108 4.41 -1.65 6.01
CA ALA A 108 5.49 -0.65 5.88
C ALA A 108 6.23 -0.55 7.22
N ASP A 109 5.50 -0.50 8.34
CA ASP A 109 6.26 -0.36 9.61
C ASP A 109 7.12 -1.56 9.87
N ALA A 110 6.63 -2.75 9.56
CA ALA A 110 7.49 -3.94 9.75
C ALA A 110 8.77 -3.87 8.87
N ALA A 111 8.65 -3.48 7.59
CA ALA A 111 9.80 -3.36 6.72
C ALA A 111 10.80 -2.36 7.32
N ALA A 112 10.26 -1.22 7.86
CA ALA A 112 11.13 -0.20 8.39
C ALA A 112 11.89 -0.70 9.63
N VAL A 113 11.25 -1.56 10.41
CA VAL A 113 11.90 -2.10 11.63
C VAL A 113 13.10 -2.97 11.18
N LEU A 114 12.90 -3.80 10.14
CA LEU A 114 14.00 -4.64 9.66
C LEU A 114 15.21 -3.76 9.29
N VAL A 115 14.94 -2.72 8.50
CA VAL A 115 16.02 -1.87 7.98
C VAL A 115 16.62 -1.06 9.11
N ALA A 116 15.81 -0.59 10.07
CA ALA A 116 16.34 0.27 11.15
C ALA A 116 17.27 -0.59 12.07
N MET A 117 16.82 -1.80 12.35
CA MET A 117 17.63 -2.73 13.22
C MET A 117 18.87 -3.11 12.48
N ASN A 118 18.82 -3.38 11.19
CA ASN A 118 20.01 -3.76 10.44
C ASN A 118 21.12 -2.69 10.57
N SER A 119 20.70 -1.41 10.47
CA SER A 119 21.58 -0.26 10.59
C SER A 119 21.99 0.01 12.05
N LEU A 120 21.03 -0.06 12.97
CA LEU A 120 21.29 0.23 14.40
C LEU A 120 22.31 -0.73 15.04
N TRP A 121 22.20 -2.00 14.68
CA TRP A 121 23.03 -3.03 15.27
C TRP A 121 24.29 -3.22 14.40
N GLU A 122 24.40 -2.45 13.36
CA GLU A 122 25.58 -2.38 12.43
C GLU A 122 25.86 -3.74 11.83
N LEU A 123 24.80 -4.40 11.41
CA LEU A 123 24.90 -5.81 10.92
C LEU A 123 25.00 -5.87 9.47
N ASN A 124 24.18 -5.05 8.81
CA ASN A 124 24.26 -4.94 7.44
C ASN A 124 24.08 -6.37 6.77
N VAL A 125 23.07 -7.12 7.24
CA VAL A 125 22.72 -8.35 6.55
C VAL A 125 22.21 -7.96 5.16
N PRO A 126 22.53 -8.77 4.14
CA PRO A 126 22.13 -8.33 2.79
C PRO A 126 20.62 -8.18 2.54
N ARG A 127 20.31 -7.35 1.55
CA ARG A 127 18.87 -7.21 1.18
C ARG A 127 18.12 -8.55 0.97
N ARG A 128 18.73 -9.56 0.35
CA ARG A 128 18.08 -10.86 0.20
C ARG A 128 17.61 -11.48 1.48
N ASP A 129 18.32 -11.19 2.57
CA ASP A 129 17.95 -11.77 3.82
C ASP A 129 16.79 -11.01 4.42
N LEU A 130 16.83 -9.71 4.25
CA LEU A 130 15.63 -8.91 4.62
C LEU A 130 14.33 -9.30 3.84
N ARG A 131 14.43 -9.57 2.52
CA ARG A 131 13.24 -10.00 1.74
C ARG A 131 12.72 -11.32 2.25
N MET A 132 13.67 -12.20 2.65
CA MET A 132 13.24 -13.44 3.19
C MET A 132 12.42 -13.29 4.51
N LEU A 133 12.90 -12.40 5.43
CA LEU A 133 12.21 -12.16 6.67
C LEU A 133 10.90 -11.49 6.32
N ALA A 134 10.98 -10.57 5.34
CA ALA A 134 9.70 -9.84 5.04
C ALA A 134 8.58 -10.78 4.56
N ALA A 135 8.96 -11.80 3.82
CA ALA A 135 7.95 -12.81 3.35
C ALA A 135 7.32 -13.63 4.45
N ARG A 136 8.14 -13.99 5.44
CA ARG A 136 7.60 -14.61 6.63
C ARG A 136 6.59 -13.74 7.35
N LEU A 137 6.84 -12.43 7.39
CA LEU A 137 6.01 -11.55 8.11
C LEU A 137 4.65 -11.34 7.48
N GLY A 138 4.60 -11.25 6.17
CA GLY A 138 3.26 -11.04 5.60
C GLY A 138 3.31 -10.51 4.24
N SER A 139 2.23 -10.71 3.52
CA SER A 139 2.38 -10.58 2.06
C SER A 139 2.69 -9.20 1.55
N ASP A 140 2.45 -8.12 2.33
CA ASP A 140 2.86 -6.75 1.81
C ASP A 140 4.18 -6.21 2.32
N VAL A 141 4.81 -6.95 3.24
CA VAL A 141 6.09 -6.44 3.72
C VAL A 141 7.16 -6.38 2.63
N PRO A 142 7.22 -7.39 1.72
CA PRO A 142 8.25 -7.29 0.74
C PRO A 142 8.18 -6.06 -0.09
N PHE A 143 6.95 -5.66 -0.52
CA PHE A 143 6.90 -4.51 -1.31
C PHE A 143 7.32 -3.26 -0.52
N ALA A 144 7.00 -3.18 0.76
CA ALA A 144 7.49 -1.98 1.50
C ALA A 144 8.95 -1.86 1.56
N LEU A 145 9.68 -3.02 1.58
CA LEU A 145 11.09 -2.87 1.44
C LEU A 145 11.51 -2.41 0.08
N HIS A 146 10.88 -3.01 -0.93
CA HIS A 146 11.24 -2.71 -2.32
C HIS A 146 10.98 -1.27 -2.78
N GLY A 147 9.78 -0.84 -2.51
CA GLY A 147 9.38 0.53 -2.86
C GLY A 147 9.30 0.74 -4.37
N GLY A 148 9.26 1.99 -4.75
CA GLY A 148 9.13 2.36 -6.18
C GLY A 148 7.83 1.89 -6.79
N THR A 149 7.90 1.31 -7.98
CA THR A 149 6.82 0.54 -8.54
C THR A 149 7.28 -0.83 -8.91
N ALA A 150 6.41 -1.82 -8.72
CA ALA A 150 6.81 -3.18 -9.05
C ALA A 150 5.68 -4.02 -9.50
N LEU A 151 5.96 -4.90 -10.46
CA LEU A 151 4.99 -5.92 -10.77
C LEU A 151 5.18 -7.21 -9.99
N GLY A 152 4.12 -7.68 -9.37
CA GLY A 152 4.13 -8.93 -8.57
C GLY A 152 3.20 -9.94 -9.20
N THR A 153 3.74 -11.14 -9.36
CA THR A 153 3.08 -12.19 -10.14
C THR A 153 2.37 -13.28 -9.24
N GLY A 154 2.63 -13.28 -7.93
CA GLY A 154 2.25 -14.45 -7.09
C GLY A 154 3.05 -14.57 -5.80
N ARG A 155 2.73 -15.63 -5.00
CA ARG A 155 3.13 -15.70 -3.56
C ARG A 155 4.61 -15.56 -3.20
N GLY A 156 5.50 -16.26 -3.91
CA GLY A 156 6.90 -16.28 -3.51
C GLY A 156 7.69 -15.29 -4.33
N GLU A 157 7.65 -15.52 -5.64
CA GLU A 157 8.47 -14.82 -6.66
C GLU A 157 8.85 -13.36 -6.40
N GLU A 158 10.07 -13.07 -6.80
CA GLU A 158 10.58 -11.73 -6.80
C GLU A 158 9.63 -10.74 -7.50
N LEU A 159 9.53 -9.58 -6.91
CA LEU A 159 8.98 -8.43 -7.55
C LEU A 159 9.89 -7.90 -8.63
N ALA A 160 9.26 -7.42 -9.71
CA ALA A 160 9.98 -6.78 -10.79
C ALA A 160 9.89 -5.25 -10.80
N THR A 161 11.03 -4.61 -10.70
CA THR A 161 11.14 -3.14 -10.67
C THR A 161 10.71 -2.50 -11.97
N VAL A 162 9.88 -1.48 -11.84
CA VAL A 162 9.44 -0.67 -12.98
C VAL A 162 9.81 0.76 -12.76
N LEU A 163 10.69 1.31 -13.62
CA LEU A 163 11.11 2.68 -13.56
C LEU A 163 10.28 3.62 -14.43
N SER A 164 10.04 4.83 -13.93
CA SER A 164 9.24 5.82 -14.64
C SER A 164 10.05 7.01 -15.03
N ARG A 165 9.73 7.52 -16.22
CA ARG A 165 10.46 8.69 -16.72
C ARG A 165 10.15 9.95 -15.90
N ASN A 166 8.95 10.04 -15.29
CA ASN A 166 8.62 11.24 -14.50
C ASN A 166 7.77 10.71 -13.33
N THR A 167 7.58 11.52 -12.30
CA THR A 167 6.63 11.24 -11.19
C THR A 167 5.16 11.36 -11.58
N PHE A 168 4.29 10.65 -10.85
CA PHE A 168 2.85 10.74 -10.99
C PHE A 168 2.28 11.42 -9.78
N HIS A 169 1.14 12.10 -10.04
CA HIS A 169 0.49 12.92 -9.02
C HIS A 169 -0.89 12.38 -8.71
N TRP A 170 -1.08 12.13 -7.42
CA TRP A 170 -2.28 11.40 -6.97
C TRP A 170 -3.08 12.22 -5.98
N VAL A 171 -4.38 12.01 -6.03
CA VAL A 171 -5.23 12.32 -4.88
C VAL A 171 -5.72 11.00 -4.30
N LEU A 172 -5.51 10.82 -2.99
CA LEU A 172 -5.94 9.61 -2.36
C LEU A 172 -7.06 9.90 -1.36
N ALA A 173 -8.19 9.18 -1.46
CA ALA A 173 -9.31 9.50 -0.62
C ALA A 173 -9.80 8.28 0.14
N PHE A 174 -10.16 8.47 1.41
CA PHE A 174 -10.34 7.33 2.29
C PHE A 174 -11.74 7.43 2.81
N ALA A 175 -12.49 6.34 2.64
CA ALA A 175 -13.92 6.25 3.05
C ALA A 175 -13.98 6.08 4.59
N ASP A 176 -15.08 6.46 5.22
CA ASP A 176 -15.07 6.43 6.70
C ASP A 176 -15.12 5.00 7.28
N SER A 177 -15.22 3.99 6.41
CA SER A 177 -15.32 2.60 6.84
C SER A 177 -14.73 1.67 5.77
N GLY A 178 -13.76 0.82 6.15
CA GLY A 178 -13.22 -0.24 5.27
C GLY A 178 -14.12 -1.48 5.15
N LEU A 179 -13.86 -2.33 4.15
CA LEU A 179 -14.58 -3.60 3.92
C LEU A 179 -13.64 -4.71 4.23
N LEU A 180 -14.14 -5.87 4.70
CA LEU A 180 -13.33 -7.00 4.98
C LEU A 180 -12.93 -7.58 3.63
N THR A 181 -11.63 -7.81 3.49
CA THR A 181 -11.13 -8.37 2.21
C THR A 181 -11.91 -9.69 1.83
N SER A 182 -12.22 -10.46 2.88
CA SER A 182 -13.06 -11.67 2.83
C SER A 182 -14.35 -11.48 2.12
N ALA A 183 -15.14 -10.48 2.55
CA ALA A 183 -16.40 -10.18 1.92
C ALA A 183 -16.31 -9.74 0.50
N VAL A 184 -15.23 -8.98 0.19
CA VAL A 184 -15.12 -8.44 -1.19
C VAL A 184 -14.84 -9.61 -2.15
N TYR A 185 -13.93 -10.48 -1.77
CA TYR A 185 -13.63 -11.67 -2.59
C TYR A 185 -14.94 -12.45 -2.78
N ASN A 186 -15.71 -12.64 -1.70
CA ASN A 186 -17.04 -13.31 -1.91
C ASN A 186 -17.98 -12.68 -2.92
N GLU A 187 -18.08 -11.37 -2.91
CA GLU A 187 -18.97 -10.72 -3.80
C GLU A 187 -18.34 -10.79 -5.20
N LEU A 188 -17.01 -10.77 -5.27
CA LEU A 188 -16.36 -10.93 -6.62
C LEU A 188 -16.71 -12.31 -7.23
N ASP A 189 -16.45 -13.37 -6.49
CA ASP A 189 -16.88 -14.77 -6.83
C ASP A 189 -18.35 -14.80 -7.28
N ARG A 190 -19.25 -14.29 -6.44
CA ARG A 190 -20.65 -14.23 -6.82
C ARG A 190 -21.00 -13.42 -8.11
N LEU A 191 -20.33 -12.29 -8.35
CA LEU A 191 -20.69 -11.48 -9.50
C LEU A 191 -20.29 -12.23 -10.77
N ARG A 192 -19.26 -13.04 -10.60
CA ARG A 192 -18.68 -13.80 -11.74
C ARG A 192 -19.61 -14.99 -12.04
N GLU A 193 -20.29 -15.49 -11.01
CA GLU A 193 -21.23 -16.64 -11.19
C GLU A 193 -22.49 -16.20 -11.91
N VAL A 194 -22.87 -14.98 -11.61
CA VAL A 194 -24.14 -14.47 -11.96
C VAL A 194 -24.02 -13.65 -13.22
N GLY A 195 -22.78 -13.29 -13.59
CA GLY A 195 -22.59 -12.35 -14.68
C GLY A 195 -21.14 -12.29 -15.17
N ASP A 196 -20.75 -11.13 -15.71
CA ASP A 196 -19.37 -11.00 -16.25
C ASP A 196 -18.68 -9.68 -15.87
N PRO A 197 -18.18 -9.57 -14.62
CA PRO A 197 -17.76 -8.21 -14.24
C PRO A 197 -16.52 -7.72 -15.05
N PRO A 198 -16.03 -6.48 -14.83
CA PRO A 198 -14.84 -6.09 -15.63
C PRO A 198 -13.60 -7.00 -15.42
N ARG A 199 -13.03 -7.43 -16.54
CA ARG A 199 -11.81 -8.24 -16.58
C ARG A 199 -10.68 -7.31 -17.18
N LEU A 200 -9.52 -7.33 -16.54
CA LEU A 200 -8.56 -6.30 -16.90
C LEU A 200 -7.78 -6.64 -18.13
N GLY A 201 -7.45 -5.56 -18.84
CA GLY A 201 -6.25 -5.58 -19.70
C GLY A 201 -5.05 -6.37 -19.13
N GLU A 202 -4.01 -6.49 -19.96
CA GLU A 202 -2.78 -7.20 -19.58
C GLU A 202 -1.88 -6.29 -18.87
N PRO A 203 -0.89 -6.79 -18.00
CA PRO A 203 -0.33 -5.58 -17.39
C PRO A 203 0.75 -4.92 -18.17
N GLY A 204 1.11 -5.49 -19.29
CA GLY A 204 2.17 -4.74 -20.04
C GLY A 204 1.88 -3.29 -20.47
N PRO A 205 0.68 -3.02 -20.98
CA PRO A 205 0.34 -1.65 -21.30
C PRO A 205 0.49 -0.71 -20.06
N VAL A 206 0.08 -1.22 -18.89
CA VAL A 206 0.24 -0.40 -17.67
C VAL A 206 1.70 -0.09 -17.40
N LEU A 207 2.56 -1.11 -17.50
CA LEU A 207 3.99 -0.85 -17.31
C LEU A 207 4.55 0.10 -18.36
N ALA A 208 4.11 -0.01 -19.62
CA ALA A 208 4.59 0.94 -20.66
C ALA A 208 4.21 2.43 -20.39
N ALA A 209 2.98 2.65 -19.85
CA ALA A 209 2.53 3.98 -19.49
C ALA A 209 3.33 4.51 -18.31
N LEU A 210 3.61 3.62 -17.34
CA LEU A 210 4.42 4.04 -16.20
C LEU A 210 5.82 4.39 -16.65
N ALA A 211 6.41 3.48 -17.43
CA ALA A 211 7.75 3.80 -17.97
C ALA A 211 7.82 5.13 -18.70
N ALA A 212 6.79 5.45 -19.50
CA ALA A 212 6.71 6.67 -20.23
C ALA A 212 6.46 7.90 -19.35
N GLY A 213 6.08 7.72 -18.08
CA GLY A 213 5.78 8.85 -17.19
C GLY A 213 4.54 9.62 -17.66
N ASP A 214 3.67 8.94 -18.40
CA ASP A 214 2.59 9.66 -19.11
C ASP A 214 1.27 9.41 -18.43
N PRO A 215 0.77 10.38 -17.62
CA PRO A 215 -0.48 10.08 -16.93
C PRO A 215 -1.70 9.99 -17.81
N ASP A 216 -1.69 10.67 -18.97
CA ASP A 216 -2.82 10.51 -19.85
C ASP A 216 -2.86 9.08 -20.40
N GLN A 217 -1.70 8.46 -20.60
CA GLN A 217 -1.67 7.09 -21.11
C GLN A 217 -2.01 6.06 -20.00
N LEU A 218 -1.52 6.38 -18.78
CA LEU A 218 -1.77 5.47 -17.62
C LEU A 218 -3.23 5.43 -17.18
N ALA A 219 -3.85 6.61 -17.19
CA ALA A 219 -5.16 6.74 -16.58
C ALA A 219 -6.23 5.69 -16.94
N PRO A 220 -6.52 5.41 -18.24
CA PRO A 220 -7.56 4.46 -18.62
C PRO A 220 -7.12 3.02 -18.40
N LEU A 221 -5.83 2.80 -18.07
CA LEU A 221 -5.29 1.48 -17.84
C LEU A 221 -5.29 1.08 -16.32
N LEU A 222 -5.47 2.06 -15.43
CA LEU A 222 -5.61 1.69 -14.00
C LEU A 222 -6.81 0.80 -13.83
N GLY A 223 -6.67 -0.18 -12.98
CA GLY A 223 -7.81 -1.08 -12.77
C GLY A 223 -7.65 -2.00 -11.62
N ASN A 224 -8.78 -2.50 -11.12
CA ASN A 224 -8.75 -3.37 -9.97
C ASN A 224 -9.96 -4.34 -10.10
N GLU A 225 -9.68 -5.63 -10.24
CA GLU A 225 -10.79 -6.58 -10.43
C GLU A 225 -11.68 -6.68 -9.20
N MET A 226 -11.15 -6.27 -8.03
CA MET A 226 -11.97 -6.27 -6.79
C MET A 226 -12.94 -5.08 -6.80
N GLN A 227 -12.77 -4.06 -7.66
CA GLN A 227 -13.59 -2.87 -7.60
C GLN A 227 -15.09 -3.08 -7.77
N ALA A 228 -15.46 -3.86 -8.78
CA ALA A 228 -16.85 -4.18 -8.96
C ALA A 228 -17.50 -4.71 -7.73
N ALA A 229 -16.82 -5.62 -7.01
CA ALA A 229 -17.28 -6.30 -5.82
C ALA A 229 -17.37 -5.27 -4.70
N ALA A 230 -16.28 -4.51 -4.49
CA ALA A 230 -16.47 -3.34 -3.52
C ALA A 230 -17.69 -2.43 -3.74
N VAL A 231 -17.92 -2.03 -4.99
CA VAL A 231 -18.91 -1.06 -5.45
C VAL A 231 -20.32 -1.66 -5.33
N SER A 232 -20.36 -2.98 -5.54
CA SER A 232 -21.59 -3.76 -5.33
C SER A 232 -22.01 -3.63 -3.88
N LEU A 233 -21.10 -3.86 -2.95
CA LEU A 233 -21.40 -3.76 -1.53
C LEU A 233 -21.61 -2.31 -1.03
N ASP A 234 -20.71 -1.43 -1.42
CA ASP A 234 -20.90 0.01 -1.14
C ASP A 234 -21.02 0.92 -2.35
N PRO A 235 -22.25 1.11 -2.82
CA PRO A 235 -22.47 1.89 -4.04
C PRO A 235 -22.01 3.33 -3.96
N ALA A 236 -21.80 3.80 -2.73
CA ALA A 236 -21.34 5.19 -2.50
C ALA A 236 -19.99 5.35 -3.18
N LEU A 237 -19.26 4.25 -3.28
CA LEU A 237 -17.90 4.26 -3.90
C LEU A 237 -17.97 4.68 -5.35
N ALA A 238 -19.00 4.19 -6.04
CA ALA A 238 -19.28 4.64 -7.38
C ALA A 238 -19.45 6.16 -7.55
N ARG A 239 -20.16 6.83 -6.65
CA ARG A 239 -20.31 8.30 -6.77
C ARG A 239 -19.03 8.98 -6.40
N ALA A 240 -18.27 8.37 -5.47
CA ALA A 240 -16.98 8.97 -5.06
C ALA A 240 -16.01 8.95 -6.22
N LEU A 241 -15.96 7.85 -6.97
CA LEU A 241 -15.02 7.78 -8.05
C LEU A 241 -15.43 8.77 -9.09
N ARG A 242 -16.76 8.94 -9.31
CA ARG A 242 -17.21 9.91 -10.29
C ARG A 242 -16.91 11.35 -9.89
N ALA A 243 -17.05 11.67 -8.58
CA ALA A 243 -16.81 12.97 -8.00
C ALA A 243 -15.38 13.38 -8.23
N GLY A 244 -14.47 12.43 -8.01
CA GLY A 244 -13.05 12.75 -8.19
C GLY A 244 -12.72 13.12 -9.61
N VAL A 245 -13.31 12.41 -10.56
CA VAL A 245 -13.16 12.73 -11.93
C VAL A 245 -13.86 14.09 -12.27
N GLU A 246 -15.02 14.34 -11.67
CA GLU A 246 -15.78 15.59 -11.93
C GLU A 246 -14.90 16.73 -11.40
N ALA A 247 -14.13 16.46 -10.36
CA ALA A 247 -13.20 17.42 -9.74
C ALA A 247 -11.96 17.75 -10.56
N GLY A 248 -11.70 16.93 -11.60
CA GLY A 248 -10.63 17.16 -12.54
C GLY A 248 -9.61 16.02 -12.66
N ALA A 249 -9.77 14.99 -11.84
CA ALA A 249 -8.86 13.82 -11.98
C ALA A 249 -9.04 13.20 -13.35
N LEU A 250 -7.96 12.60 -13.85
CA LEU A 250 -8.08 11.82 -15.11
C LEU A 250 -8.87 10.56 -14.96
N ALA A 251 -8.64 9.85 -13.86
CA ALA A 251 -9.30 8.57 -13.61
C ALA A 251 -9.20 8.32 -12.12
N GLY A 252 -10.11 7.51 -11.64
CA GLY A 252 -10.11 7.07 -10.24
C GLY A 252 -10.43 5.62 -10.16
N ILE A 253 -9.77 4.86 -9.28
CA ILE A 253 -10.08 3.46 -9.01
C ILE A 253 -10.12 3.20 -7.50
N VAL A 254 -10.81 2.16 -7.05
CA VAL A 254 -10.60 1.75 -5.67
C VAL A 254 -9.35 0.89 -5.60
N SER A 255 -8.53 1.08 -4.58
CA SER A 255 -7.26 0.28 -4.43
C SER A 255 -7.48 -0.88 -3.48
N GLY A 256 -7.21 -2.08 -3.98
CA GLY A 256 -7.41 -3.27 -3.09
C GLY A 256 -8.90 -3.57 -2.89
N SER A 257 -9.24 -3.82 -1.63
CA SER A 257 -10.60 -3.98 -1.26
C SER A 257 -11.14 -2.63 -0.67
N GLY A 258 -10.41 -1.54 -0.88
CA GLY A 258 -10.59 -0.24 -0.19
C GLY A 258 -10.06 -0.14 1.26
N PRO A 259 -10.26 1.04 1.91
CA PRO A 259 -11.10 2.16 1.45
C PRO A 259 -10.42 3.23 0.56
N THR A 260 -9.17 3.03 0.12
CA THR A 260 -8.52 4.02 -0.66
C THR A 260 -9.19 4.08 -2.06
N CYS A 261 -9.62 5.29 -2.44
CA CYS A 261 -9.86 5.56 -3.87
C CYS A 261 -8.64 6.32 -4.29
N ALA A 262 -8.10 5.96 -5.45
CA ALA A 262 -6.91 6.64 -5.93
C ALA A 262 -7.23 7.34 -7.20
N PHE A 263 -6.89 8.64 -7.25
CA PHE A 263 -7.18 9.46 -8.42
C PHE A 263 -5.91 9.99 -9.06
N LEU A 264 -5.71 9.63 -10.33
CA LEU A 264 -4.49 10.07 -11.02
C LEU A 264 -4.75 11.42 -11.67
N CYS A 265 -3.93 12.39 -11.34
CA CYS A 265 -4.05 13.80 -11.87
C CYS A 265 -2.95 14.14 -12.86
N THR A 266 -3.11 15.24 -13.58
CA THR A 266 -2.12 15.57 -14.59
C THR A 266 -0.90 16.20 -14.05
N SER A 267 -0.97 16.80 -12.85
CA SER A 267 0.14 17.61 -12.31
C SER A 267 -0.05 17.85 -10.81
N ALA A 268 0.98 18.42 -10.17
CA ALA A 268 0.88 18.68 -8.75
C ALA A 268 -0.16 19.74 -8.54
N SER A 269 -0.15 20.78 -9.39
CA SER A 269 -1.23 21.78 -9.30
C SER A 269 -2.64 21.20 -9.42
N SER A 270 -2.86 20.33 -10.39
CA SER A 270 -4.12 19.76 -10.60
C SER A 270 -4.52 18.94 -9.37
N ALA A 271 -3.56 18.19 -8.79
CA ALA A 271 -3.92 17.32 -7.67
C ALA A 271 -4.34 18.18 -6.49
N ILE A 272 -3.65 19.32 -6.32
CA ILE A 272 -4.05 20.21 -5.21
C ILE A 272 -5.49 20.64 -5.41
N ASP A 273 -5.85 20.94 -6.64
CA ASP A 273 -7.20 21.52 -6.91
C ASP A 273 -8.22 20.43 -6.79
N VAL A 274 -7.88 19.27 -7.36
CA VAL A 274 -8.81 18.09 -7.25
C VAL A 274 -9.02 17.74 -5.77
N GLY A 275 -7.95 17.71 -4.97
CA GLY A 275 -7.98 17.41 -3.55
C GLY A 275 -8.85 18.42 -2.78
N ALA A 276 -8.61 19.71 -3.02
CA ALA A 276 -9.50 20.71 -2.41
C ALA A 276 -10.98 20.47 -2.68
N GLN A 277 -11.33 20.25 -3.95
CA GLN A 277 -12.75 20.01 -4.34
C GLN A 277 -13.32 18.81 -3.66
N LEU A 278 -12.55 17.70 -3.64
CA LEU A 278 -13.00 16.52 -2.94
C LEU A 278 -13.15 16.62 -1.46
N SER A 279 -12.28 17.36 -0.79
CA SER A 279 -12.35 17.54 0.64
C SER A 279 -13.62 18.36 0.96
N GLY A 280 -13.79 19.45 0.20
CA GLY A 280 -14.95 20.35 0.36
C GLY A 280 -16.31 19.64 0.26
N ALA A 281 -16.38 18.73 -0.71
CA ALA A 281 -17.60 18.00 -1.12
C ALA A 281 -18.03 16.85 -0.19
N GLY A 282 -17.23 16.55 0.82
CA GLY A 282 -17.56 15.55 1.83
C GLY A 282 -17.96 14.14 1.41
N VAL A 283 -17.57 13.69 0.21
CA VAL A 283 -17.85 12.27 -0.12
C VAL A 283 -16.93 11.28 0.66
N CYS A 284 -15.80 11.77 1.20
CA CYS A 284 -14.80 10.95 1.93
C CYS A 284 -14.45 11.44 3.36
N ARG A 285 -13.94 10.55 4.24
CA ARG A 285 -13.49 10.96 5.56
C ARG A 285 -12.21 11.80 5.44
N THR A 286 -11.29 11.37 4.60
CA THR A 286 -9.93 11.97 4.61
C THR A 286 -9.50 12.09 3.14
N VAL A 287 -8.88 13.21 2.77
CA VAL A 287 -8.40 13.42 1.35
C VAL A 287 -6.95 13.89 1.45
N ARG A 288 -6.07 13.27 0.63
CA ARG A 288 -4.66 13.58 0.76
C ARG A 288 -4.04 13.62 -0.64
N VAL A 289 -3.04 14.50 -0.78
CA VAL A 289 -2.28 14.48 -2.07
C VAL A 289 -1.02 13.67 -1.85
N ALA A 290 -0.52 13.05 -2.99
CA ALA A 290 0.72 12.28 -2.86
C ALA A 290 1.41 12.21 -4.21
N THR A 291 2.68 11.85 -4.21
CA THR A 291 3.39 11.58 -5.49
C THR A 291 3.93 10.19 -5.47
N GLY A 292 4.08 9.61 -6.65
CA GLY A 292 4.74 8.23 -6.69
C GLY A 292 5.47 8.12 -8.03
N PRO A 293 6.42 7.23 -8.15
CA PRO A 293 6.93 6.34 -7.08
C PRO A 293 7.80 7.09 -6.13
N VAL A 294 7.94 6.51 -4.93
CA VAL A 294 8.93 6.97 -3.94
C VAL A 294 9.66 5.70 -3.51
N PRO A 295 10.84 5.84 -2.90
CA PRO A 295 11.64 4.69 -2.50
C PRO A 295 11.00 3.88 -1.39
N GLY A 296 11.47 2.62 -1.26
CA GLY A 296 11.03 1.81 -0.11
C GLY A 296 11.74 2.16 1.22
N ALA A 297 11.58 1.32 2.24
CA ALA A 297 12.19 1.61 3.57
C ALA A 297 13.66 1.95 3.47
N ARG A 298 13.96 3.16 3.95
CA ARG A 298 15.39 3.64 3.97
C ARG A 298 15.70 4.48 5.13
N VAL A 299 16.94 4.33 5.63
CA VAL A 299 17.37 5.14 6.72
C VAL A 299 17.44 6.61 6.28
N VAL A 300 16.90 7.45 7.14
CA VAL A 300 16.93 8.91 6.92
C VAL A 300 17.71 9.66 8.01
#